data_8PWT
#
_entry.id   8PWT
#
_entity_poly.entity_id   1
_entity_poly.type   'polypeptide(L)'
_entity_poly.pdbx_seq_one_letter_code
;GKEKEKLKQCFKDMTLAAIDYAKHKVEKHLFKCI
;
_entity_poly.pdbx_strand_id   A
#
# COMPACT_ATOMS: atom_id res chain seq x y z
N GLY A 1 6.65 -11.42 -4.01
CA GLY A 1 5.61 -11.76 -3.01
C GLY A 1 4.45 -10.80 -3.05
N LYS A 2 3.63 -10.85 -2.01
CA LYS A 2 2.45 -9.99 -1.91
C LYS A 2 2.86 -8.54 -1.71
N GLU A 3 3.84 -8.32 -0.85
CA GLU A 3 4.31 -6.98 -0.57
C GLU A 3 5.30 -6.56 -1.64
N LYS A 4 4.84 -6.53 -2.88
CA LYS A 4 5.71 -6.16 -3.99
C LYS A 4 6.35 -4.80 -3.71
N GLU A 5 5.52 -3.81 -3.45
CA GLU A 5 5.98 -2.53 -2.97
C GLU A 5 5.63 -2.38 -1.50
N LYS A 6 4.59 -1.60 -1.23
CA LYS A 6 4.10 -1.35 0.11
C LYS A 6 2.84 -2.18 0.36
N LEU A 7 2.44 -2.95 -0.64
CA LEU A 7 1.12 -3.58 -0.68
C LEU A 7 0.70 -4.22 0.65
N LYS A 8 1.38 -5.30 1.03
CA LYS A 8 0.98 -6.14 2.16
C LYS A 8 0.71 -5.35 3.42
N GLN A 9 1.50 -4.28 3.61
CA GLN A 9 1.50 -3.45 4.82
C GLN A 9 0.14 -3.28 5.52
N CYS A 10 -0.97 -3.27 4.77
CA CYS A 10 -2.29 -3.20 5.39
C CYS A 10 -3.39 -3.27 4.34
N PHE A 11 -3.00 -3.56 3.11
CA PHE A 11 -3.87 -3.43 1.93
C PHE A 11 -5.23 -4.12 2.11
N LYS A 12 -6.28 -3.33 2.26
CA LYS A 12 -7.64 -3.87 2.17
C LYS A 12 -8.29 -3.50 0.83
N ASP A 13 -8.57 -2.21 0.65
CA ASP A 13 -9.02 -1.68 -0.64
C ASP A 13 -7.98 -0.73 -1.21
N MET A 14 -7.25 -0.11 -0.28
CA MET A 14 -6.17 0.81 -0.61
C MET A 14 -5.20 0.21 -1.61
N THR A 15 -5.08 -1.11 -1.62
CA THR A 15 -4.30 -1.81 -2.63
C THR A 15 -4.51 -1.20 -4.01
N LEU A 16 -5.77 -1.08 -4.41
CA LEU A 16 -6.10 -0.57 -5.72
C LEU A 16 -5.65 0.88 -5.88
N ALA A 17 -6.21 1.77 -5.08
CA ALA A 17 -5.94 3.19 -5.28
C ALA A 17 -4.73 3.64 -4.48
N ALA A 18 -4.81 3.54 -3.18
CA ALA A 18 -3.80 4.10 -2.29
C ALA A 18 -2.44 3.40 -2.43
N ILE A 19 -2.41 2.19 -2.98
CA ILE A 19 -1.15 1.53 -3.20
C ILE A 19 -0.51 2.04 -4.48
N ASP A 20 -1.34 2.29 -5.49
CA ASP A 20 -0.90 2.97 -6.70
C ASP A 20 -0.25 4.31 -6.32
N TYR A 21 -0.76 4.92 -5.26
CA TYR A 21 -0.19 6.16 -4.74
C TYR A 21 0.96 5.87 -3.77
N ALA A 22 0.90 4.77 -3.06
CA ALA A 22 1.94 4.42 -2.10
C ALA A 22 3.23 4.01 -2.79
N LYS A 23 3.09 3.26 -3.87
CA LYS A 23 4.24 2.77 -4.61
C LYS A 23 4.93 3.90 -5.37
N HIS A 24 4.13 4.75 -5.96
CA HIS A 24 4.63 5.77 -6.86
C HIS A 24 4.71 7.14 -6.19
N LYS A 25 3.69 7.51 -5.42
CA LYS A 25 3.68 8.80 -4.74
C LYS A 25 4.27 8.67 -3.32
N VAL A 26 3.40 8.62 -2.29
CA VAL A 26 3.86 8.49 -0.90
C VAL A 26 2.75 8.01 0.03
N GLU A 27 1.69 7.41 -0.51
CA GLU A 27 0.54 7.04 0.31
C GLU A 27 0.85 5.92 1.31
N LYS A 28 2.11 5.53 1.38
CA LYS A 28 2.57 4.52 2.33
C LYS A 28 2.50 5.03 3.76
N HIS A 29 2.37 6.34 3.89
CA HIS A 29 2.26 6.99 5.19
C HIS A 29 0.88 6.78 5.81
N LEU A 30 0.01 6.05 5.11
CA LEU A 30 -1.35 5.83 5.58
C LEU A 30 -1.50 4.47 6.26
N PHE A 31 -0.62 3.53 5.95
CA PHE A 31 -0.84 2.16 6.37
C PHE A 31 0.44 1.41 6.59
N LYS A 32 0.42 0.55 7.61
CA LYS A 32 1.54 -0.32 7.97
C LYS A 32 1.09 -1.32 9.04
N CYS A 33 -0.20 -1.49 9.15
CA CYS A 33 -0.81 -2.24 10.25
C CYS A 33 -0.55 -3.75 10.16
N ILE A 34 -0.50 -4.26 8.94
CA ILE A 34 -0.28 -5.70 8.71
C ILE A 34 1.20 -5.96 8.45
N GLY A 1 5.14 -15.10 -1.74
CA GLY A 1 5.27 -13.88 -0.91
C GLY A 1 4.29 -12.80 -1.30
N LYS A 2 4.31 -11.69 -0.58
CA LYS A 2 3.42 -10.57 -0.84
C LYS A 2 4.23 -9.29 -0.69
N GLU A 3 3.57 -8.14 -0.89
CA GLU A 3 4.18 -6.84 -0.65
C GLU A 3 5.17 -6.50 -1.76
N LYS A 4 4.67 -6.43 -2.99
CA LYS A 4 5.52 -6.09 -4.12
C LYS A 4 6.14 -4.72 -3.88
N GLU A 5 5.30 -3.74 -3.59
CA GLU A 5 5.75 -2.44 -3.14
C GLU A 5 5.50 -2.31 -1.63
N LYS A 6 4.48 -1.54 -1.29
CA LYS A 6 4.07 -1.34 0.09
C LYS A 6 2.84 -2.17 0.41
N LEU A 7 2.39 -2.92 -0.58
CA LEU A 7 1.09 -3.58 -0.57
C LEU A 7 0.73 -4.26 0.77
N LYS A 8 1.43 -5.36 1.06
CA LYS A 8 1.05 -6.26 2.15
C LYS A 8 0.80 -5.53 3.46
N GLN A 9 1.58 -4.48 3.69
CA GLN A 9 1.60 -3.74 4.97
C GLN A 9 0.23 -3.59 5.65
N CYS A 10 -0.83 -3.40 4.88
CA CYS A 10 -2.17 -3.26 5.47
C CYS A 10 -3.27 -3.31 4.40
N PHE A 11 -2.87 -3.62 3.16
CA PHE A 11 -3.72 -3.42 1.98
C PHE A 11 -5.15 -3.98 2.13
N LYS A 12 -6.11 -3.08 2.33
CA LYS A 12 -7.52 -3.46 2.33
C LYS A 12 -8.23 -3.06 1.04
N ASP A 13 -8.43 -1.76 0.85
CA ASP A 13 -8.93 -1.22 -0.41
C ASP A 13 -7.87 -0.34 -1.03
N MET A 14 -7.10 0.27 -0.14
CA MET A 14 -5.93 1.05 -0.49
C MET A 14 -5.06 0.28 -1.46
N THR A 15 -5.15 -1.04 -1.35
CA THR A 15 -4.53 -1.95 -2.28
C THR A 15 -4.57 -1.40 -3.70
N LEU A 16 -5.78 -1.20 -4.19
CA LEU A 16 -5.98 -0.78 -5.56
C LEU A 16 -5.48 0.64 -5.79
N ALA A 17 -6.06 1.61 -5.10
CA ALA A 17 -5.78 3.01 -5.41
C ALA A 17 -4.59 3.51 -4.61
N ALA A 18 -4.72 3.49 -3.30
CA ALA A 18 -3.72 4.11 -2.44
C ALA A 18 -2.36 3.41 -2.54
N ILE A 19 -2.32 2.16 -3.00
CA ILE A 19 -1.04 1.51 -3.19
C ILE A 19 -0.39 2.00 -4.47
N ASP A 20 -1.21 2.28 -5.48
CA ASP A 20 -0.73 2.93 -6.69
C ASP A 20 -0.15 4.30 -6.35
N TYR A 21 -0.69 4.92 -5.29
CA TYR A 21 -0.15 6.17 -4.80
C TYR A 21 1.02 5.94 -3.84
N ALA A 22 0.99 4.82 -3.15
CA ALA A 22 2.07 4.48 -2.23
C ALA A 22 3.36 4.18 -2.97
N LYS A 23 3.22 3.50 -4.10
CA LYS A 23 4.36 3.10 -4.90
C LYS A 23 5.00 4.30 -5.61
N HIS A 24 4.16 5.20 -6.10
CA HIS A 24 4.65 6.32 -6.89
C HIS A 24 4.74 7.62 -6.06
N LYS A 25 3.74 7.87 -5.24
CA LYS A 25 3.67 9.13 -4.50
C LYS A 25 4.25 8.98 -3.10
N VAL A 26 3.41 8.54 -2.15
CA VAL A 26 3.85 8.37 -0.77
C VAL A 26 2.69 7.88 0.12
N GLU A 27 1.64 7.34 -0.47
CA GLU A 27 0.43 6.97 0.27
C GLU A 27 0.70 5.83 1.25
N LYS A 28 1.95 5.40 1.31
CA LYS A 28 2.39 4.42 2.30
C LYS A 28 2.37 5.01 3.70
N HIS A 29 2.38 6.35 3.73
CA HIS A 29 2.32 7.10 4.99
C HIS A 29 0.94 6.94 5.64
N LEU A 30 0.09 6.20 4.97
CA LEU A 30 -1.30 6.06 5.35
C LEU A 30 -1.57 4.75 6.10
N PHE A 31 -0.83 3.70 5.76
CA PHE A 31 -1.22 2.38 6.24
C PHE A 31 -0.07 1.53 6.71
N LYS A 32 -0.39 0.71 7.72
CA LYS A 32 0.47 -0.36 8.24
C LYS A 32 -0.29 -1.10 9.34
N CYS A 33 -0.32 -2.42 9.28
CA CYS A 33 -1.05 -3.22 10.27
C CYS A 33 -0.75 -4.71 10.10
N ILE A 34 -0.61 -5.14 8.87
CA ILE A 34 -0.36 -6.54 8.57
C ILE A 34 1.13 -6.83 8.49
N GLY A 1 2.67 -14.91 -3.57
CA GLY A 1 3.27 -13.95 -2.63
C GLY A 1 2.76 -12.54 -2.85
N LYS A 2 3.02 -11.66 -1.89
CA LYS A 2 2.55 -10.29 -1.96
C LYS A 2 3.66 -9.32 -1.57
N GLU A 3 3.29 -8.07 -1.30
CA GLU A 3 4.22 -7.05 -0.86
C GLU A 3 5.19 -6.69 -1.98
N LYS A 4 4.66 -6.55 -3.19
CA LYS A 4 5.48 -6.14 -4.31
C LYS A 4 6.08 -4.76 -4.02
N GLU A 5 5.23 -3.80 -3.70
CA GLU A 5 5.67 -2.50 -3.22
C GLU A 5 5.43 -2.39 -1.71
N LYS A 6 4.43 -1.58 -1.34
CA LYS A 6 4.07 -1.36 0.05
C LYS A 6 2.84 -2.18 0.40
N LEU A 7 2.33 -2.91 -0.58
CA LEU A 7 1.04 -3.58 -0.51
C LEU A 7 0.75 -4.22 0.86
N LYS A 8 1.53 -5.24 1.19
CA LYS A 8 1.26 -6.11 2.33
C LYS A 8 0.86 -5.38 3.60
N GLN A 9 1.58 -4.29 3.86
CA GLN A 9 1.54 -3.56 5.14
C GLN A 9 0.16 -3.41 5.77
N CYS A 10 -0.92 -3.34 4.98
CA CYS A 10 -2.26 -3.21 5.55
C CYS A 10 -3.33 -3.24 4.47
N PHE A 11 -2.92 -3.56 3.24
CA PHE A 11 -3.77 -3.38 2.06
C PHE A 11 -5.14 -4.05 2.16
N LYS A 12 -6.18 -3.25 2.33
CA LYS A 12 -7.54 -3.76 2.22
C LYS A 12 -8.19 -3.36 0.88
N ASP A 13 -8.46 -2.07 0.70
CA ASP A 13 -8.92 -1.55 -0.59
C ASP A 13 -7.88 -0.61 -1.17
N MET A 14 -7.14 0.02 -0.26
CA MET A 14 -6.06 0.92 -0.62
C MET A 14 -5.11 0.27 -1.61
N THR A 15 -5.01 -1.05 -1.56
CA THR A 15 -4.25 -1.81 -2.54
C THR A 15 -4.43 -1.24 -3.95
N LEU A 16 -5.67 -1.09 -4.37
CA LEU A 16 -5.98 -0.63 -5.71
C LEU A 16 -5.55 0.83 -5.89
N ALA A 17 -6.17 1.72 -5.14
CA ALA A 17 -5.93 3.15 -5.35
C ALA A 17 -4.71 3.63 -4.59
N ALA A 18 -4.76 3.52 -3.28
CA ALA A 18 -3.74 4.12 -2.43
C ALA A 18 -2.39 3.44 -2.57
N ILE A 19 -2.34 2.19 -3.03
CA ILE A 19 -1.07 1.53 -3.24
C ILE A 19 -0.41 2.04 -4.52
N ASP A 20 -1.24 2.34 -5.52
CA ASP A 20 -0.76 3.05 -6.70
C ASP A 20 -0.06 4.34 -6.27
N TYR A 21 -0.65 4.98 -5.27
CA TYR A 21 -0.11 6.22 -4.74
C TYR A 21 1.00 5.96 -3.73
N ALA A 22 1.01 4.79 -3.14
CA ALA A 22 2.08 4.40 -2.25
C ALA A 22 3.34 4.06 -3.03
N LYS A 23 3.16 3.42 -4.17
CA LYS A 23 4.28 3.03 -5.01
C LYS A 23 4.81 4.21 -5.80
N HIS A 24 3.92 5.11 -6.21
CA HIS A 24 4.31 6.25 -7.03
C HIS A 24 4.45 7.53 -6.21
N LYS A 25 3.52 7.79 -5.29
CA LYS A 25 3.53 9.02 -4.52
C LYS A 25 4.17 8.79 -3.14
N VAL A 26 3.35 8.75 -2.09
CA VAL A 26 3.83 8.51 -0.73
C VAL A 26 2.74 7.93 0.16
N GLU A 27 1.68 7.40 -0.44
CA GLU A 27 0.51 6.98 0.33
C GLU A 27 0.81 5.83 1.29
N LYS A 28 2.05 5.36 1.28
CA LYS A 28 2.50 4.35 2.22
C LYS A 28 2.43 4.87 3.66
N HIS A 29 2.41 6.19 3.79
CA HIS A 29 2.31 6.84 5.10
C HIS A 29 0.91 6.69 5.70
N LEU A 30 -0.02 6.15 4.93
CA LEU A 30 -1.40 6.05 5.38
C LEU A 30 -1.64 4.74 6.14
N PHE A 31 -0.87 3.70 5.82
CA PHE A 31 -1.25 2.38 6.27
C PHE A 31 -0.11 1.54 6.80
N LYS A 32 -0.46 0.79 7.83
CA LYS A 32 0.35 -0.30 8.38
C LYS A 32 -0.47 -1.02 9.46
N CYS A 33 -0.45 -2.33 9.44
CA CYS A 33 -1.21 -3.14 10.39
C CYS A 33 -0.89 -4.63 10.22
N ILE A 34 -0.66 -5.04 8.98
CA ILE A 34 -0.37 -6.43 8.67
C ILE A 34 1.12 -6.68 8.73
N GLY A 1 5.43 -12.61 -4.30
CA GLY A 1 4.98 -12.10 -2.99
C GLY A 1 3.96 -10.99 -3.14
N LYS A 2 3.23 -10.71 -2.09
CA LYS A 2 2.21 -9.67 -2.14
C LYS A 2 2.83 -8.31 -1.88
N GLU A 3 3.88 -8.28 -1.07
CA GLU A 3 4.53 -7.03 -0.74
C GLU A 3 5.53 -6.67 -1.84
N LYS A 4 5.03 -6.51 -3.06
CA LYS A 4 5.88 -6.10 -4.16
C LYS A 4 6.42 -4.70 -3.87
N GLU A 5 5.52 -3.77 -3.62
CA GLU A 5 5.89 -2.46 -3.15
C GLU A 5 5.55 -2.33 -1.66
N LYS A 6 4.50 -1.56 -1.36
CA LYS A 6 4.06 -1.33 0.00
C LYS A 6 2.83 -2.16 0.34
N LEU A 7 2.37 -2.93 -0.63
CA LEU A 7 1.06 -3.59 -0.57
C LEU A 7 0.75 -4.22 0.78
N LYS A 8 1.52 -5.25 1.13
CA LYS A 8 1.27 -6.10 2.29
C LYS A 8 0.86 -5.34 3.56
N GLN A 9 1.57 -4.24 3.80
CA GLN A 9 1.53 -3.48 5.05
C GLN A 9 0.14 -3.34 5.69
N CYS A 10 -0.94 -3.28 4.90
CA CYS A 10 -2.29 -3.14 5.49
C CYS A 10 -3.38 -3.18 4.43
N PHE A 11 -3.01 -3.49 3.19
CA PHE A 11 -3.89 -3.27 2.04
C PHE A 11 -5.25 -3.97 2.18
N LYS A 12 -6.31 -3.19 2.33
CA LYS A 12 -7.68 -3.73 2.26
C LYS A 12 -8.34 -3.38 0.92
N ASP A 13 -8.62 -2.10 0.73
CA ASP A 13 -8.96 -1.54 -0.59
C ASP A 13 -7.82 -0.64 -1.01
N MET A 14 -7.13 -0.21 0.04
CA MET A 14 -5.87 0.51 -0.03
C MET A 14 -4.98 -0.01 -1.16
N THR A 15 -5.00 -1.30 -1.36
CA THR A 15 -4.22 -1.94 -2.42
C THR A 15 -4.48 -1.31 -3.79
N LEU A 16 -5.74 -1.17 -4.16
CA LEU A 16 -6.08 -0.74 -5.52
C LEU A 16 -5.65 0.69 -5.76
N ALA A 17 -6.25 1.62 -5.04
CA ALA A 17 -6.01 3.03 -5.29
C ALA A 17 -4.77 3.50 -4.56
N ALA A 18 -4.83 3.40 -3.25
CA ALA A 18 -3.81 3.96 -2.39
C ALA A 18 -2.45 3.33 -2.61
N ILE A 19 -2.39 2.09 -3.08
CA ILE A 19 -1.09 1.46 -3.32
C ILE A 19 -0.48 2.00 -4.60
N ASP A 20 -1.29 2.28 -5.60
CA ASP A 20 -0.81 2.98 -6.79
C ASP A 20 -0.20 4.31 -6.38
N TYR A 21 -0.75 4.89 -5.33
CA TYR A 21 -0.26 6.14 -4.77
C TYR A 21 0.92 5.90 -3.83
N ALA A 22 0.93 4.76 -3.15
CA ALA A 22 2.00 4.45 -2.22
C ALA A 22 3.27 4.07 -2.95
N LYS A 23 3.12 3.44 -4.09
CA LYS A 23 4.25 3.02 -4.89
C LYS A 23 4.87 4.20 -5.63
N HIS A 24 4.05 5.13 -6.08
CA HIS A 24 4.54 6.26 -6.84
C HIS A 24 4.70 7.52 -5.98
N LYS A 25 3.69 7.83 -5.17
CA LYS A 25 3.74 9.03 -4.34
C LYS A 25 4.33 8.71 -2.96
N VAL A 26 3.49 8.63 -1.93
CA VAL A 26 3.96 8.35 -0.58
C VAL A 26 2.87 7.78 0.30
N GLU A 27 1.79 7.29 -0.30
CA GLU A 27 0.61 6.86 0.45
C GLU A 27 0.91 5.73 1.44
N LYS A 28 2.13 5.23 1.41
CA LYS A 28 2.63 4.30 2.41
C LYS A 28 2.51 4.89 3.81
N HIS A 29 2.49 6.21 3.88
CA HIS A 29 2.39 6.92 5.16
C HIS A 29 0.98 6.80 5.77
N LEU A 30 0.05 6.20 5.04
CA LEU A 30 -1.34 6.13 5.51
C LEU A 30 -1.65 4.79 6.16
N PHE A 31 -0.91 3.74 5.80
CA PHE A 31 -1.31 2.41 6.21
C PHE A 31 -0.18 1.54 6.74
N LYS A 32 -0.53 0.79 7.76
CA LYS A 32 0.27 -0.30 8.31
C LYS A 32 -0.54 -1.03 9.39
N CYS A 33 -0.57 -2.34 9.31
CA CYS A 33 -1.33 -3.16 10.25
C CYS A 33 -1.06 -4.65 10.00
N ILE A 34 -0.93 -5.01 8.73
CA ILE A 34 -0.71 -6.39 8.35
C ILE A 34 0.79 -6.67 8.27
N GLY A 1 5.76 -11.27 -4.48
CA GLY A 1 4.89 -11.78 -3.39
C GLY A 1 3.76 -10.82 -3.10
N LYS A 2 3.16 -10.96 -1.91
CA LYS A 2 2.04 -10.11 -1.50
C LYS A 2 2.53 -8.70 -1.15
N GLU A 3 3.82 -8.57 -0.93
CA GLU A 3 4.40 -7.29 -0.60
C GLU A 3 5.30 -6.83 -1.73
N LYS A 4 4.70 -6.66 -2.90
CA LYS A 4 5.43 -6.14 -4.05
C LYS A 4 6.12 -4.82 -3.71
N GLU A 5 5.32 -3.80 -3.49
CA GLU A 5 5.81 -2.51 -3.05
C GLU A 5 5.51 -2.33 -1.56
N LYS A 6 4.47 -1.58 -1.27
CA LYS A 6 4.02 -1.36 0.09
C LYS A 6 2.79 -2.21 0.39
N LEU A 7 2.36 -2.98 -0.61
CA LEU A 7 1.07 -3.65 -0.61
C LEU A 7 0.70 -4.29 0.74
N LYS A 8 1.44 -5.33 1.11
CA LYS A 8 1.15 -6.18 2.27
C LYS A 8 0.79 -5.35 3.51
N GLN A 9 1.50 -4.24 3.69
CA GLN A 9 1.49 -3.44 4.93
C GLN A 9 0.10 -3.24 5.57
N CYS A 10 -0.97 -3.28 4.78
CA CYS A 10 -2.32 -3.18 5.35
C CYS A 10 -3.39 -3.32 4.28
N PHE A 11 -2.96 -3.65 3.06
CA PHE A 11 -3.81 -3.56 1.87
C PHE A 11 -5.19 -4.24 2.02
N LYS A 12 -6.22 -3.43 2.18
CA LYS A 12 -7.59 -3.94 2.14
C LYS A 12 -8.27 -3.58 0.81
N ASP A 13 -8.55 -2.30 0.61
CA ASP A 13 -8.99 -1.79 -0.70
C ASP A 13 -7.96 -0.82 -1.25
N MET A 14 -7.20 -0.25 -0.33
CA MET A 14 -6.15 0.70 -0.65
C MET A 14 -5.19 0.11 -1.67
N THR A 15 -5.08 -1.21 -1.68
CA THR A 15 -4.30 -1.92 -2.69
C THR A 15 -4.50 -1.30 -4.08
N LEU A 16 -5.76 -1.17 -4.48
CA LEU A 16 -6.07 -0.66 -5.80
C LEU A 16 -5.63 0.79 -5.93
N ALA A 17 -6.22 1.66 -5.13
CA ALA A 17 -5.98 3.08 -5.30
C ALA A 17 -4.78 3.55 -4.50
N ALA A 18 -4.86 3.43 -3.19
CA ALA A 18 -3.86 4.02 -2.32
C ALA A 18 -2.50 3.35 -2.46
N ILE A 19 -2.43 2.15 -3.04
CA ILE A 19 -1.16 1.50 -3.26
C ILE A 19 -0.53 1.99 -4.55
N ASP A 20 -1.36 2.27 -5.56
CA ASP A 20 -0.88 2.95 -6.75
C ASP A 20 -0.26 4.27 -6.33
N TYR A 21 -0.87 4.87 -5.33
CA TYR A 21 -0.39 6.10 -4.72
C TYR A 21 0.81 5.84 -3.81
N ALA A 22 0.81 4.72 -3.11
CA ALA A 22 1.85 4.44 -2.13
C ALA A 22 3.14 3.96 -2.79
N LYS A 23 3.04 3.49 -4.02
CA LYS A 23 4.21 2.97 -4.71
C LYS A 23 4.98 4.09 -5.40
N HIS A 24 4.26 5.04 -5.96
CA HIS A 24 4.90 6.16 -6.65
C HIS A 24 4.97 7.39 -5.73
N LYS A 25 3.89 7.60 -4.99
CA LYS A 25 3.77 8.73 -4.08
C LYS A 25 3.99 8.24 -2.64
N VAL A 26 4.08 9.17 -1.72
CA VAL A 26 4.32 8.88 -0.31
C VAL A 26 3.12 8.28 0.41
N GLU A 27 2.10 7.82 -0.29
CA GLU A 27 0.86 7.41 0.35
C GLU A 27 1.04 6.14 1.20
N LYS A 28 2.27 5.68 1.30
CA LYS A 28 2.63 4.58 2.17
C LYS A 28 2.61 5.02 3.63
N HIS A 29 2.64 6.34 3.83
CA HIS A 29 2.55 6.93 5.17
C HIS A 29 1.13 6.80 5.71
N LEU A 30 0.30 6.12 4.96
CA LEU A 30 -1.11 5.99 5.25
C LEU A 30 -1.44 4.66 5.92
N PHE A 31 -0.62 3.64 5.70
CA PHE A 31 -0.94 2.31 6.17
C PHE A 31 0.29 1.50 6.50
N LYS A 32 0.21 0.82 7.62
CA LYS A 32 1.31 -0.01 8.14
C LYS A 32 0.79 -0.94 9.23
N CYS A 33 -0.48 -1.28 9.15
CA CYS A 33 -1.16 -1.99 10.22
C CYS A 33 -0.85 -3.49 10.24
N ILE A 34 -0.69 -4.06 9.05
CA ILE A 34 -0.43 -5.49 8.92
C ILE A 34 1.07 -5.77 8.95
N GLY A 1 4.46 -11.18 -5.98
CA GLY A 1 3.41 -11.57 -5.02
C GLY A 1 2.99 -10.40 -4.16
N LYS A 2 2.47 -10.70 -2.97
CA LYS A 2 2.06 -9.65 -2.05
C LYS A 2 3.27 -8.82 -1.63
N GLU A 3 3.01 -7.63 -1.12
CA GLU A 3 4.06 -6.73 -0.65
C GLU A 3 5.06 -6.45 -1.75
N LYS A 4 4.57 -6.39 -2.98
CA LYS A 4 5.40 -6.02 -4.11
C LYS A 4 6.10 -4.70 -3.82
N GLU A 5 5.30 -3.70 -3.53
CA GLU A 5 5.78 -2.42 -3.09
C GLU A 5 5.55 -2.30 -1.58
N LYS A 6 4.54 -1.52 -1.22
CA LYS A 6 4.14 -1.33 0.16
C LYS A 6 2.90 -2.17 0.45
N LEU A 7 2.47 -2.91 -0.56
CA LEU A 7 1.16 -3.57 -0.57
C LEU A 7 0.76 -4.23 0.77
N LYS A 8 1.44 -5.31 1.13
CA LYS A 8 0.99 -6.19 2.22
C LYS A 8 0.72 -5.44 3.52
N GLN A 9 1.47 -4.37 3.76
CA GLN A 9 1.47 -3.64 5.03
C GLN A 9 0.09 -3.47 5.68
N CYS A 10 -0.98 -3.36 4.87
CA CYS A 10 -2.32 -3.22 5.43
C CYS A 10 -3.39 -3.32 4.34
N PHE A 11 -2.96 -3.69 3.14
CA PHE A 11 -3.80 -3.60 1.94
C PHE A 11 -5.17 -4.30 2.08
N LYS A 12 -6.22 -3.50 2.27
CA LYS A 12 -7.59 -3.99 2.13
C LYS A 12 -8.18 -3.51 0.80
N ASP A 13 -8.35 -2.21 0.69
CA ASP A 13 -8.72 -1.54 -0.55
C ASP A 13 -7.52 -0.75 -1.02
N MET A 14 -6.62 -0.55 -0.05
CA MET A 14 -5.36 0.16 -0.22
C MET A 14 -4.75 -0.14 -1.56
N THR A 15 -4.60 -1.43 -1.78
CA THR A 15 -3.98 -1.97 -2.97
C THR A 15 -4.31 -1.16 -4.23
N LEU A 16 -5.58 -0.98 -4.52
CA LEU A 16 -6.00 -0.33 -5.74
C LEU A 16 -5.57 1.13 -5.76
N ALA A 17 -6.10 1.92 -4.83
CA ALA A 17 -5.86 3.35 -4.86
C ALA A 17 -4.62 3.73 -4.07
N ALA A 18 -4.65 3.47 -2.79
CA ALA A 18 -3.60 3.95 -1.90
C ALA A 18 -2.26 3.29 -2.20
N ILE A 19 -2.26 2.14 -2.85
CA ILE A 19 -1.01 1.49 -3.19
C ILE A 19 -0.46 1.98 -4.52
N ASP A 20 -1.35 2.27 -5.45
CA ASP A 20 -0.95 2.91 -6.70
C ASP A 20 -0.30 4.24 -6.38
N TYR A 21 -0.77 4.85 -5.30
CA TYR A 21 -0.25 6.11 -4.83
C TYR A 21 0.90 5.93 -3.84
N ALA A 22 0.96 4.79 -3.19
CA ALA A 22 2.07 4.47 -2.30
C ALA A 22 3.33 4.14 -3.09
N LYS A 23 3.13 3.48 -4.22
CA LYS A 23 4.24 3.07 -5.06
C LYS A 23 4.82 4.27 -5.83
N HIS A 24 3.95 5.21 -6.19
CA HIS A 24 4.37 6.36 -6.97
C HIS A 24 4.53 7.62 -6.10
N LYS A 25 3.59 7.88 -5.20
CA LYS A 25 3.61 9.08 -4.39
C LYS A 25 4.22 8.80 -3.02
N VAL A 26 3.41 8.84 -1.96
CA VAL A 26 3.87 8.57 -0.61
C VAL A 26 2.80 7.89 0.21
N GLU A 27 1.74 7.39 -0.44
CA GLU A 27 0.55 6.91 0.27
C GLU A 27 0.83 5.71 1.18
N LYS A 28 2.08 5.33 1.28
CA LYS A 28 2.51 4.33 2.25
C LYS A 28 2.44 4.92 3.65
N HIS A 29 2.48 6.25 3.72
CA HIS A 29 2.36 6.98 4.98
C HIS A 29 0.94 6.90 5.52
N LEU A 30 0.12 6.15 4.81
CA LEU A 30 -1.29 6.04 5.10
C LEU A 30 -1.59 4.75 5.87
N PHE A 31 -0.77 3.72 5.67
CA PHE A 31 -1.12 2.42 6.17
C PHE A 31 0.06 1.56 6.59
N LYS A 32 -0.12 0.93 7.73
CA LYS A 32 0.76 -0.10 8.27
C LYS A 32 0.05 -0.76 9.45
N CYS A 33 -0.41 -1.96 9.24
CA CYS A 33 -1.20 -2.63 10.28
C CYS A 33 -1.03 -4.15 10.22
N ILE A 34 -1.09 -4.70 9.01
CA ILE A 34 -1.02 -6.14 8.83
C ILE A 34 0.44 -6.57 8.64
N GLY A 1 5.78 -12.02 -4.71
CA GLY A 1 5.30 -11.95 -3.30
C GLY A 1 4.19 -10.93 -3.14
N LYS A 2 3.62 -10.86 -1.94
CA LYS A 2 2.53 -9.94 -1.67
C LYS A 2 3.03 -8.51 -1.64
N GLU A 3 3.96 -8.27 -0.74
CA GLU A 3 4.50 -6.95 -0.51
C GLU A 3 5.52 -6.60 -1.59
N LYS A 4 5.05 -6.56 -2.84
CA LYS A 4 5.92 -6.20 -3.96
C LYS A 4 6.44 -4.78 -3.73
N GLU A 5 5.53 -3.87 -3.49
CA GLU A 5 5.88 -2.54 -3.07
C GLU A 5 5.59 -2.37 -1.58
N LYS A 6 4.55 -1.60 -1.28
CA LYS A 6 4.10 -1.35 0.08
C LYS A 6 2.88 -2.21 0.39
N LEU A 7 2.45 -2.98 -0.61
CA LEU A 7 1.14 -3.63 -0.61
C LEU A 7 0.75 -4.28 0.73
N LYS A 8 1.43 -5.38 1.06
CA LYS A 8 1.07 -6.24 2.19
C LYS A 8 0.71 -5.45 3.45
N GLN A 9 1.47 -4.40 3.73
CA GLN A 9 1.38 -3.63 4.99
C GLN A 9 -0.03 -3.52 5.60
N CYS A 10 -1.05 -3.22 4.81
CA CYS A 10 -2.40 -3.05 5.36
C CYS A 10 -3.45 -3.12 4.25
N PHE A 11 -3.00 -3.45 3.06
CA PHE A 11 -3.80 -3.32 1.83
C PHE A 11 -5.18 -3.99 1.94
N LYS A 12 -6.24 -3.20 2.13
CA LYS A 12 -7.58 -3.75 2.08
C LYS A 12 -8.30 -3.39 0.77
N ASP A 13 -8.64 -2.12 0.59
CA ASP A 13 -9.09 -1.61 -0.71
C ASP A 13 -8.07 -0.63 -1.23
N MET A 14 -7.41 0.02 -0.28
CA MET A 14 -6.26 0.86 -0.52
C MET A 14 -5.30 0.20 -1.48
N THR A 15 -5.24 -1.13 -1.41
CA THR A 15 -4.46 -1.94 -2.34
C THR A 15 -4.53 -1.37 -3.76
N LEU A 16 -5.74 -1.15 -4.24
CA LEU A 16 -5.94 -0.71 -5.60
C LEU A 16 -5.53 0.75 -5.79
N ALA A 17 -6.20 1.64 -5.08
CA ALA A 17 -5.98 3.06 -5.27
C ALA A 17 -4.77 3.55 -4.50
N ALA A 18 -4.83 3.44 -3.19
CA ALA A 18 -3.82 4.03 -2.32
C ALA A 18 -2.46 3.36 -2.47
N ILE A 19 -2.41 2.12 -2.95
CA ILE A 19 -1.13 1.49 -3.17
C ILE A 19 -0.47 2.03 -4.42
N ASP A 20 -1.27 2.32 -5.43
CA ASP A 20 -0.78 3.00 -6.62
C ASP A 20 -0.13 4.32 -6.21
N TYR A 21 -0.74 4.97 -5.24
CA TYR A 21 -0.21 6.21 -4.69
C TYR A 21 0.91 5.94 -3.70
N ALA A 22 0.86 4.81 -3.04
CA ALA A 22 1.93 4.42 -2.12
C ALA A 22 3.21 4.12 -2.89
N LYS A 23 3.05 3.51 -4.05
CA LYS A 23 4.19 3.14 -4.86
C LYS A 23 4.72 4.35 -5.66
N HIS A 24 3.82 5.13 -6.26
CA HIS A 24 4.25 6.24 -7.09
C HIS A 24 4.35 7.56 -6.30
N LYS A 25 3.44 7.77 -5.36
CA LYS A 25 3.42 9.02 -4.59
C LYS A 25 4.09 8.83 -3.22
N VAL A 26 3.30 8.74 -2.15
CA VAL A 26 3.85 8.54 -0.80
C VAL A 26 2.81 7.96 0.15
N GLU A 27 1.74 7.41 -0.41
CA GLU A 27 0.60 6.96 0.40
C GLU A 27 0.94 5.83 1.36
N LYS A 28 2.17 5.36 1.30
CA LYS A 28 2.68 4.40 2.26
C LYS A 28 2.63 4.97 3.67
N HIS A 29 2.62 6.30 3.76
CA HIS A 29 2.57 7.00 5.05
C HIS A 29 1.22 6.83 5.73
N LEU A 30 0.24 6.27 5.03
CA LEU A 30 -1.10 6.16 5.57
C LEU A 30 -1.29 4.81 6.27
N PHE A 31 -0.56 3.78 5.86
CA PHE A 31 -0.87 2.45 6.36
C PHE A 31 0.30 1.62 6.80
N LYS A 32 0.01 0.88 7.85
CA LYS A 32 0.76 -0.30 8.28
C LYS A 32 -0.03 -1.01 9.36
N CYS A 33 -0.46 -2.24 9.10
CA CYS A 33 -1.32 -2.96 10.01
C CYS A 33 -0.92 -4.42 10.10
N ILE A 34 -0.84 -5.04 8.93
CA ILE A 34 -0.60 -6.47 8.81
C ILE A 34 0.89 -6.77 8.96
N GLY A 1 2.80 -11.06 -5.79
CA GLY A 1 3.44 -10.96 -4.47
C GLY A 1 2.55 -10.26 -3.46
N LYS A 2 2.70 -10.61 -2.20
CA LYS A 2 1.88 -10.03 -1.13
C LYS A 2 2.31 -8.59 -0.88
N GLU A 3 3.60 -8.33 -1.06
CA GLU A 3 4.18 -7.04 -0.76
C GLU A 3 5.06 -6.60 -1.91
N LYS A 4 4.48 -6.49 -3.11
CA LYS A 4 5.25 -6.10 -4.27
C LYS A 4 5.92 -4.74 -4.02
N GLU A 5 5.12 -3.74 -3.68
CA GLU A 5 5.66 -2.49 -3.20
C GLU A 5 5.44 -2.36 -1.69
N LYS A 6 4.44 -1.58 -1.32
CA LYS A 6 4.09 -1.36 0.07
C LYS A 6 2.86 -2.20 0.44
N LEU A 7 2.38 -2.94 -0.54
CA LEU A 7 1.06 -3.58 -0.49
C LEU A 7 0.74 -4.26 0.85
N LYS A 8 1.42 -5.36 1.14
CA LYS A 8 1.10 -6.24 2.27
C LYS A 8 0.81 -5.49 3.56
N GLN A 9 1.57 -4.42 3.80
CA GLN A 9 1.60 -3.70 5.07
C GLN A 9 0.22 -3.51 5.75
N CYS A 10 -0.86 -3.40 4.99
CA CYS A 10 -2.19 -3.27 5.59
C CYS A 10 -3.29 -3.31 4.51
N PHE A 11 -2.90 -3.62 3.28
CA PHE A 11 -3.76 -3.41 2.11
C PHE A 11 -5.13 -4.08 2.24
N LYS A 12 -6.17 -3.26 2.40
CA LYS A 12 -7.54 -3.77 2.29
C LYS A 12 -8.18 -3.38 0.95
N ASP A 13 -8.44 -2.09 0.75
CA ASP A 13 -8.90 -1.59 -0.55
C ASP A 13 -7.84 -0.67 -1.14
N MET A 14 -7.08 -0.06 -0.24
CA MET A 14 -6.02 0.86 -0.61
C MET A 14 -5.06 0.24 -1.60
N THR A 15 -4.95 -1.08 -1.58
CA THR A 15 -4.18 -1.82 -2.56
C THR A 15 -4.38 -1.25 -3.97
N LEU A 16 -5.63 -1.14 -4.38
CA LEU A 16 -5.93 -0.64 -5.71
C LEU A 16 -5.53 0.83 -5.84
N ALA A 17 -6.16 1.68 -5.04
CA ALA A 17 -5.98 3.12 -5.21
C ALA A 17 -4.74 3.62 -4.50
N ALA A 18 -4.73 3.49 -3.19
CA ALA A 18 -3.70 4.11 -2.38
C ALA A 18 -2.34 3.45 -2.56
N ILE A 19 -2.30 2.21 -3.04
CA ILE A 19 -1.02 1.56 -3.28
C ILE A 19 -0.42 2.06 -4.58
N ASP A 20 -1.28 2.33 -5.56
CA ASP A 20 -0.86 3.00 -6.78
C ASP A 20 -0.15 4.31 -6.42
N TYR A 21 -0.69 4.96 -5.41
CA TYR A 21 -0.12 6.21 -4.90
C TYR A 21 1.01 5.96 -3.92
N ALA A 22 0.97 4.85 -3.21
CA ALA A 22 2.02 4.51 -2.27
C ALA A 22 3.31 4.13 -2.99
N LYS A 23 3.15 3.51 -4.15
CA LYS A 23 4.30 3.04 -4.90
C LYS A 23 5.00 4.18 -5.62
N HIS A 24 4.24 5.12 -6.19
CA HIS A 24 4.85 6.20 -6.94
C HIS A 24 4.93 7.49 -6.11
N LYS A 25 3.92 7.74 -5.28
CA LYS A 25 3.85 8.99 -4.54
C LYS A 25 4.38 8.80 -3.11
N VAL A 26 3.48 8.76 -2.12
CA VAL A 26 3.88 8.59 -0.72
C VAL A 26 2.74 8.06 0.14
N GLU A 27 1.69 7.55 -0.48
CA GLU A 27 0.46 7.19 0.25
C GLU A 27 0.68 6.02 1.21
N LYS A 28 1.92 5.54 1.28
CA LYS A 28 2.30 4.47 2.20
C LYS A 28 2.17 4.93 3.65
N HIS A 29 2.26 6.24 3.85
CA HIS A 29 2.17 6.85 5.17
C HIS A 29 0.76 6.75 5.76
N LEU A 30 -0.15 6.13 5.02
CA LEU A 30 -1.52 5.99 5.46
C LEU A 30 -1.72 4.67 6.20
N PHE A 31 -0.94 3.65 5.87
CA PHE A 31 -1.26 2.32 6.32
C PHE A 31 -0.06 1.54 6.81
N LYS A 32 -0.35 0.72 7.81
CA LYS A 32 0.54 -0.32 8.35
C LYS A 32 -0.18 -1.01 9.50
N CYS A 33 -0.28 -2.32 9.43
CA CYS A 33 -1.03 -3.09 10.42
C CYS A 33 -0.76 -4.58 10.26
N ILE A 34 -0.59 -5.01 9.02
CA ILE A 34 -0.31 -6.39 8.71
C ILE A 34 1.21 -6.61 8.72
N GLY A 1 6.77 -11.27 -2.47
CA GLY A 1 5.44 -11.88 -2.22
C GLY A 1 4.51 -10.92 -1.50
N LYS A 2 3.44 -10.51 -2.19
CA LYS A 2 2.42 -9.60 -1.66
C LYS A 2 2.97 -8.18 -1.53
N GLU A 3 3.90 -7.99 -0.62
CA GLU A 3 4.50 -6.69 -0.41
C GLU A 3 5.59 -6.45 -1.43
N LYS A 4 5.20 -6.35 -2.69
CA LYS A 4 6.16 -6.04 -3.73
C LYS A 4 6.75 -4.65 -3.46
N GLU A 5 5.86 -3.68 -3.30
CA GLU A 5 6.24 -2.37 -2.84
C GLU A 5 5.83 -2.21 -1.38
N LYS A 6 4.66 -1.60 -1.16
CA LYS A 6 4.18 -1.34 0.17
C LYS A 6 3.02 -2.26 0.49
N LEU A 7 2.58 -2.93 -0.56
CA LEU A 7 1.26 -3.56 -0.63
C LEU A 7 0.81 -4.24 0.66
N LYS A 8 1.51 -5.30 1.06
CA LYS A 8 1.10 -6.16 2.19
C LYS A 8 0.68 -5.35 3.41
N GLN A 9 1.46 -4.34 3.75
CA GLN A 9 1.35 -3.58 5.01
C GLN A 9 -0.07 -3.51 5.61
N CYS A 10 -1.10 -3.20 4.82
CA CYS A 10 -2.44 -3.08 5.39
C CYS A 10 -3.51 -3.06 4.29
N PHE A 11 -3.08 -3.34 3.07
CA PHE A 11 -3.93 -3.21 1.88
C PHE A 11 -5.30 -3.91 2.01
N LYS A 12 -6.36 -3.15 2.21
CA LYS A 12 -7.71 -3.71 2.10
C LYS A 12 -8.41 -3.26 0.81
N ASP A 13 -8.72 -1.97 0.72
CA ASP A 13 -9.09 -1.34 -0.54
C ASP A 13 -7.97 -0.40 -0.92
N MET A 14 -7.27 -0.01 0.15
CA MET A 14 -5.96 0.62 0.09
C MET A 14 -5.12 0.03 -1.03
N THR A 15 -5.27 -1.28 -1.21
CA THR A 15 -4.54 -2.02 -2.22
C THR A 15 -4.68 -1.39 -3.61
N LEU A 16 -5.90 -1.10 -4.04
CA LEU A 16 -6.15 -0.69 -5.41
C LEU A 16 -5.70 0.75 -5.65
N ALA A 17 -6.33 1.67 -4.96
CA ALA A 17 -6.08 3.08 -5.20
C ALA A 17 -4.82 3.53 -4.49
N ALA A 18 -4.85 3.40 -3.18
CA ALA A 18 -3.81 3.95 -2.34
C ALA A 18 -2.45 3.30 -2.58
N ILE A 19 -2.42 2.05 -3.06
CA ILE A 19 -1.14 1.42 -3.34
C ILE A 19 -0.52 1.99 -4.61
N ASP A 20 -1.36 2.32 -5.57
CA ASP A 20 -0.92 3.03 -6.76
C ASP A 20 -0.25 4.35 -6.35
N TYR A 21 -0.81 4.96 -5.30
CA TYR A 21 -0.27 6.19 -4.74
C TYR A 21 0.90 5.93 -3.81
N ALA A 22 0.91 4.78 -3.18
CA ALA A 22 1.98 4.43 -2.26
C ALA A 22 3.24 4.09 -3.03
N LYS A 23 3.08 3.43 -4.16
CA LYS A 23 4.20 3.00 -4.97
C LYS A 23 4.75 4.16 -5.81
N HIS A 24 3.88 5.07 -6.21
CA HIS A 24 4.28 6.19 -7.06
C HIS A 24 4.46 7.49 -6.26
N LYS A 25 3.56 7.76 -5.32
CA LYS A 25 3.61 8.99 -4.56
C LYS A 25 4.29 8.75 -3.21
N VAL A 26 3.50 8.73 -2.14
CA VAL A 26 4.01 8.46 -0.79
C VAL A 26 2.91 7.94 0.11
N GLU A 27 1.81 7.46 -0.47
CA GLU A 27 0.63 7.06 0.30
C GLU A 27 0.92 5.90 1.25
N LYS A 28 2.14 5.40 1.21
CA LYS A 28 2.58 4.35 2.11
C LYS A 28 2.57 4.83 3.57
N HIS A 29 2.60 6.14 3.73
CA HIS A 29 2.57 6.77 5.05
C HIS A 29 1.20 6.64 5.72
N LEU A 30 0.24 6.07 5.00
CA LEU A 30 -1.13 6.01 5.50
C LEU A 30 -1.42 4.67 6.16
N PHE A 31 -0.73 3.61 5.75
CA PHE A 31 -1.15 2.28 6.15
C PHE A 31 0.00 1.39 6.59
N LYS A 32 -0.30 0.63 7.64
CA LYS A 32 0.53 -0.46 8.18
C LYS A 32 -0.24 -1.14 9.30
N CYS A 33 -0.35 -2.45 9.24
CA CYS A 33 -1.11 -3.19 10.24
C CYS A 33 -0.86 -4.69 10.15
N ILE A 34 -0.69 -5.19 8.93
CA ILE A 34 -0.50 -6.60 8.69
C ILE A 34 0.98 -6.96 8.82
N GLY A 1 4.88 -10.83 -5.43
CA GLY A 1 4.53 -11.13 -4.02
C GLY A 1 3.51 -10.16 -3.48
N LYS A 2 2.96 -10.48 -2.31
CA LYS A 2 1.91 -9.66 -1.70
C LYS A 2 2.48 -8.33 -1.20
N GLU A 3 3.79 -8.24 -1.11
CA GLU A 3 4.44 -7.02 -0.70
C GLU A 3 5.37 -6.54 -1.81
N LYS A 4 4.87 -6.62 -3.04
CA LYS A 4 5.65 -6.18 -4.19
C LYS A 4 6.20 -4.77 -3.96
N GLU A 5 5.31 -3.83 -3.67
CA GLU A 5 5.72 -2.53 -3.21
C GLU A 5 5.46 -2.39 -1.71
N LYS A 6 4.44 -1.59 -1.37
CA LYS A 6 4.08 -1.31 0.01
C LYS A 6 2.84 -2.12 0.40
N LEU A 7 2.35 -2.91 -0.55
CA LEU A 7 1.03 -3.54 -0.47
C LEU A 7 0.73 -4.20 0.88
N LYS A 8 1.44 -5.31 1.15
CA LYS A 8 1.15 -6.19 2.29
C LYS A 8 0.86 -5.45 3.59
N GLN A 9 1.58 -4.37 3.83
CA GLN A 9 1.60 -3.66 5.12
C GLN A 9 0.22 -3.51 5.79
N CYS A 10 -0.87 -3.38 5.01
CA CYS A 10 -2.20 -3.24 5.60
C CYS A 10 -3.29 -3.29 4.53
N PHE A 11 -2.89 -3.60 3.31
CA PHE A 11 -3.75 -3.40 2.13
C PHE A 11 -5.14 -4.06 2.24
N LYS A 12 -6.18 -3.24 2.38
CA LYS A 12 -7.54 -3.73 2.26
C LYS A 12 -8.18 -3.35 0.92
N ASP A 13 -8.45 -2.07 0.72
CA ASP A 13 -8.93 -1.56 -0.56
C ASP A 13 -7.91 -0.62 -1.17
N MET A 14 -7.17 0.02 -0.28
CA MET A 14 -6.09 0.93 -0.65
C MET A 14 -5.16 0.28 -1.65
N THR A 15 -5.05 -1.04 -1.59
CA THR A 15 -4.28 -1.81 -2.55
C THR A 15 -4.46 -1.25 -3.97
N LEU A 16 -5.70 -1.15 -4.41
CA LEU A 16 -5.99 -0.68 -5.75
C LEU A 16 -5.58 0.78 -5.93
N ALA A 17 -6.19 1.67 -5.15
CA ALA A 17 -5.97 3.09 -5.37
C ALA A 17 -4.75 3.59 -4.62
N ALA A 18 -4.81 3.51 -3.31
CA ALA A 18 -3.81 4.14 -2.47
C ALA A 18 -2.44 3.47 -2.59
N ILE A 19 -2.38 2.23 -3.07
CA ILE A 19 -1.10 1.59 -3.27
C ILE A 19 -0.46 2.08 -4.55
N ASP A 20 -1.28 2.29 -5.58
CA ASP A 20 -0.81 2.95 -6.79
C ASP A 20 -0.19 4.29 -6.42
N TYR A 21 -0.76 4.92 -5.39
CA TYR A 21 -0.25 6.19 -4.89
C TYR A 21 0.93 5.97 -3.95
N ALA A 22 0.90 4.89 -3.20
CA ALA A 22 1.98 4.59 -2.26
C ALA A 22 3.26 4.30 -2.99
N LYS A 23 3.14 3.57 -4.08
CA LYS A 23 4.29 3.12 -4.83
C LYS A 23 5.00 4.30 -5.51
N HIS A 24 4.23 5.23 -6.05
CA HIS A 24 4.82 6.34 -6.78
C HIS A 24 4.90 7.63 -5.96
N LYS A 25 3.88 7.91 -5.15
CA LYS A 25 3.87 9.13 -4.35
C LYS A 25 4.42 8.86 -2.95
N VAL A 26 3.54 8.70 -1.96
CA VAL A 26 3.96 8.47 -0.58
C VAL A 26 2.88 7.82 0.25
N GLU A 27 1.83 7.33 -0.38
CA GLU A 27 0.63 6.90 0.34
C GLU A 27 0.86 5.74 1.31
N LYS A 28 2.09 5.23 1.38
CA LYS A 28 2.43 4.22 2.38
C LYS A 28 2.35 4.80 3.78
N HIS A 29 2.40 6.12 3.87
CA HIS A 29 2.29 6.82 5.15
C HIS A 29 0.86 6.74 5.71
N LEU A 30 -0.04 6.11 4.97
CA LEU A 30 -1.43 5.99 5.38
C LEU A 30 -1.68 4.67 6.09
N PHE A 31 -0.87 3.66 5.81
CA PHE A 31 -1.22 2.32 6.25
C PHE A 31 -0.03 1.50 6.70
N LYS A 32 -0.30 0.77 7.78
CA LYS A 32 0.57 -0.27 8.33
C LYS A 32 -0.17 -0.94 9.49
N CYS A 33 -0.37 -2.23 9.40
CA CYS A 33 -1.13 -2.96 10.41
C CYS A 33 -0.88 -4.46 10.32
N ILE A 34 -0.80 -4.96 9.10
CA ILE A 34 -0.60 -6.38 8.87
C ILE A 34 0.89 -6.68 8.78
N GLY A 1 4.63 -14.34 1.13
CA GLY A 1 4.40 -14.17 -0.33
C GLY A 1 3.47 -13.02 -0.63
N LYS A 2 3.89 -11.81 -0.29
CA LYS A 2 3.11 -10.61 -0.53
C LYS A 2 3.99 -9.39 -0.33
N GLU A 3 3.49 -8.22 -0.74
CA GLU A 3 4.19 -6.94 -0.59
C GLU A 3 5.18 -6.72 -1.73
N LYS A 4 4.67 -6.50 -2.93
CA LYS A 4 5.54 -6.18 -4.05
C LYS A 4 6.20 -4.82 -3.80
N GLU A 5 5.38 -3.81 -3.56
CA GLU A 5 5.86 -2.52 -3.09
C GLU A 5 5.57 -2.38 -1.60
N LYS A 6 4.54 -1.59 -1.29
CA LYS A 6 4.12 -1.35 0.08
C LYS A 6 2.88 -2.17 0.40
N LEU A 7 2.44 -2.94 -0.58
CA LEU A 7 1.13 -3.61 -0.58
C LEU A 7 0.76 -4.24 0.77
N LYS A 8 1.45 -5.31 1.13
CA LYS A 8 1.07 -6.17 2.25
C LYS A 8 0.73 -5.39 3.52
N GLN A 9 1.51 -4.35 3.80
CA GLN A 9 1.44 -3.59 5.06
C GLN A 9 0.03 -3.47 5.67
N CYS A 10 -1.01 -3.23 4.86
CA CYS A 10 -2.37 -3.10 5.43
C CYS A 10 -3.42 -3.14 4.32
N PHE A 11 -2.99 -3.48 3.12
CA PHE A 11 -3.84 -3.36 1.92
C PHE A 11 -5.19 -4.09 2.05
N LYS A 12 -6.27 -3.32 2.23
CA LYS A 12 -7.61 -3.89 2.14
C LYS A 12 -8.29 -3.53 0.81
N ASP A 13 -8.62 -2.24 0.64
CA ASP A 13 -8.95 -1.68 -0.68
C ASP A 13 -7.84 -0.70 -1.02
N MET A 14 -7.13 -0.34 0.05
CA MET A 14 -5.88 0.39 0.02
C MET A 14 -5.00 -0.04 -1.16
N THR A 15 -4.96 -1.34 -1.42
CA THR A 15 -4.18 -1.90 -2.53
C THR A 15 -4.47 -1.21 -3.86
N LEU A 16 -5.74 -1.07 -4.21
CA LEU A 16 -6.09 -0.59 -5.54
C LEU A 16 -5.67 0.86 -5.74
N ALA A 17 -6.28 1.73 -4.96
CA ALA A 17 -6.05 3.15 -5.14
C ALA A 17 -4.79 3.59 -4.43
N ALA A 18 -4.81 3.42 -3.12
CA ALA A 18 -3.78 3.96 -2.26
C ALA A 18 -2.42 3.31 -2.52
N ILE A 19 -2.37 2.07 -3.00
CA ILE A 19 -1.09 1.44 -3.26
C ILE A 19 -0.46 2.02 -4.51
N ASP A 20 -1.28 2.30 -5.51
CA ASP A 20 -0.81 3.02 -6.69
C ASP A 20 -0.16 4.33 -6.25
N TYR A 21 -0.77 4.95 -5.26
CA TYR A 21 -0.28 6.20 -4.70
C TYR A 21 0.89 5.98 -3.74
N ALA A 22 0.93 4.82 -3.11
CA ALA A 22 2.01 4.48 -2.20
C ALA A 22 3.27 4.17 -2.98
N LYS A 23 3.11 3.52 -4.12
CA LYS A 23 4.24 3.11 -4.92
C LYS A 23 4.78 4.26 -5.75
N HIS A 24 3.91 5.14 -6.23
CA HIS A 24 4.35 6.23 -7.08
C HIS A 24 4.48 7.56 -6.31
N LYS A 25 3.61 7.79 -5.34
CA LYS A 25 3.69 9.02 -4.54
C LYS A 25 4.34 8.74 -3.19
N VAL A 26 3.53 8.64 -2.13
CA VAL A 26 4.03 8.36 -0.79
C VAL A 26 2.92 7.85 0.12
N GLU A 27 1.80 7.39 -0.46
CA GLU A 27 0.62 7.00 0.31
C GLU A 27 0.91 5.87 1.31
N LYS A 28 2.14 5.39 1.31
CA LYS A 28 2.63 4.43 2.30
C LYS A 28 2.53 5.01 3.71
N HIS A 29 2.50 6.33 3.80
CA HIS A 29 2.38 7.03 5.08
C HIS A 29 0.98 6.88 5.68
N LEU A 30 0.08 6.20 4.99
CA LEU A 30 -1.30 6.07 5.47
C LEU A 30 -1.55 4.73 6.16
N PHE A 31 -0.79 3.70 5.80
CA PHE A 31 -1.18 2.36 6.21
C PHE A 31 -0.03 1.49 6.66
N LYS A 32 -0.32 0.76 7.73
CA LYS A 32 0.48 -0.35 8.25
C LYS A 32 -0.33 -1.03 9.36
N CYS A 33 -0.46 -2.35 9.28
CA CYS A 33 -1.27 -3.08 10.26
C CYS A 33 -1.07 -4.60 10.12
N ILE A 34 -0.87 -5.06 8.89
CA ILE A 34 -0.69 -6.47 8.62
C ILE A 34 0.79 -6.83 8.73
N GLY A 1 4.01 -13.43 -4.09
CA GLY A 1 3.89 -12.79 -2.76
C GLY A 1 2.79 -11.75 -2.74
N LYS A 2 2.95 -10.74 -1.91
CA LYS A 2 1.98 -9.65 -1.85
C LYS A 2 2.66 -8.33 -1.53
N GLU A 3 3.72 -8.35 -0.74
CA GLU A 3 4.42 -7.12 -0.41
C GLU A 3 5.40 -6.79 -1.52
N LYS A 4 4.85 -6.67 -2.72
CA LYS A 4 5.59 -6.25 -3.89
C LYS A 4 6.26 -4.90 -3.62
N GLU A 5 5.44 -3.89 -3.41
CA GLU A 5 5.90 -2.58 -3.07
C GLU A 5 5.61 -2.34 -1.58
N LYS A 6 4.56 -1.57 -1.31
CA LYS A 6 4.11 -1.29 0.03
C LYS A 6 2.86 -2.12 0.36
N LEU A 7 2.43 -2.92 -0.61
CA LEU A 7 1.11 -3.55 -0.58
C LEU A 7 0.75 -4.18 0.77
N LYS A 8 1.47 -5.25 1.13
CA LYS A 8 1.11 -6.11 2.25
C LYS A 8 0.80 -5.34 3.54
N GLN A 9 1.49 -4.22 3.75
CA GLN A 9 1.49 -3.51 5.04
C GLN A 9 0.11 -3.43 5.69
N CYS A 10 -0.96 -3.31 4.91
CA CYS A 10 -2.30 -3.21 5.48
C CYS A 10 -3.37 -3.31 4.39
N PHE A 11 -2.93 -3.63 3.17
CA PHE A 11 -3.77 -3.45 1.97
C PHE A 11 -5.15 -4.12 2.07
N LYS A 12 -6.17 -3.32 2.31
CA LYS A 12 -7.53 -3.81 2.22
C LYS A 12 -8.22 -3.34 0.94
N ASP A 13 -8.45 -2.04 0.81
CA ASP A 13 -8.98 -1.46 -0.43
C ASP A 13 -7.94 -0.56 -1.06
N MET A 14 -7.12 0.03 -0.19
CA MET A 14 -6.05 0.93 -0.58
C MET A 14 -5.15 0.28 -1.62
N THR A 15 -5.03 -1.05 -1.58
CA THR A 15 -4.28 -1.80 -2.57
C THR A 15 -4.51 -1.23 -3.98
N LEU A 16 -5.76 -1.12 -4.36
CA LEU A 16 -6.11 -0.66 -5.68
C LEU A 16 -5.67 0.81 -5.88
N ALA A 17 -6.24 1.70 -5.09
CA ALA A 17 -6.01 3.12 -5.31
C ALA A 17 -4.77 3.61 -4.59
N ALA A 18 -4.80 3.52 -3.28
CA ALA A 18 -3.78 4.13 -2.45
C ALA A 18 -2.43 3.44 -2.55
N ILE A 19 -2.38 2.22 -3.07
CA ILE A 19 -1.12 1.56 -3.30
C ILE A 19 -0.49 2.06 -4.59
N ASP A 20 -1.32 2.30 -5.60
CA ASP A 20 -0.87 2.98 -6.81
C ASP A 20 -0.18 4.29 -6.41
N TYR A 21 -0.72 4.94 -5.39
CA TYR A 21 -0.13 6.16 -4.86
C TYR A 21 1.02 5.86 -3.90
N ALA A 22 0.91 4.79 -3.15
CA ALA A 22 1.95 4.43 -2.20
C ALA A 22 3.24 4.04 -2.92
N LYS A 23 3.10 3.40 -4.06
CA LYS A 23 4.24 2.94 -4.81
C LYS A 23 4.98 4.09 -5.50
N HIS A 24 4.24 5.04 -6.06
CA HIS A 24 4.86 6.14 -6.77
C HIS A 24 4.93 7.42 -5.92
N LYS A 25 3.87 7.70 -5.16
CA LYS A 25 3.80 8.92 -4.37
C LYS A 25 4.32 8.67 -2.95
N VAL A 26 3.43 8.67 -1.94
CA VAL A 26 3.85 8.48 -0.56
C VAL A 26 2.76 7.89 0.31
N GLU A 27 1.72 7.36 -0.31
CA GLU A 27 0.54 6.91 0.42
C GLU A 27 0.82 5.75 1.37
N LYS A 28 2.05 5.29 1.37
CA LYS A 28 2.51 4.31 2.34
C LYS A 28 2.40 4.84 3.76
N HIS A 29 2.38 6.17 3.88
CA HIS A 29 2.25 6.82 5.19
C HIS A 29 0.83 6.70 5.74
N LEU A 30 -0.09 6.18 4.92
CA LEU A 30 -1.48 6.05 5.33
C LEU A 30 -1.69 4.74 6.09
N PHE A 31 -0.85 3.75 5.82
CA PHE A 31 -1.11 2.43 6.35
C PHE A 31 0.10 1.69 6.83
N LYS A 32 -0.15 0.89 7.85
CA LYS A 32 0.70 -0.21 8.30
C LYS A 32 -0.02 -0.95 9.42
N CYS A 33 -0.28 -2.22 9.22
CA CYS A 33 -1.06 -3.00 10.16
C CYS A 33 -0.57 -4.44 10.18
N ILE A 34 -0.54 -5.04 8.99
CA ILE A 34 -0.25 -6.45 8.82
C ILE A 34 1.25 -6.70 8.88
N GLY A 1 1.95 -11.64 -5.90
CA GLY A 1 2.91 -11.54 -4.77
C GLY A 1 2.60 -10.35 -3.88
N LYS A 2 2.50 -10.59 -2.58
CA LYS A 2 2.15 -9.52 -1.67
C LYS A 2 3.38 -8.68 -1.34
N GLU A 3 3.13 -7.44 -0.94
CA GLU A 3 4.18 -6.49 -0.59
C GLU A 3 5.17 -6.31 -1.72
N LYS A 4 4.68 -6.36 -2.95
CA LYS A 4 5.53 -6.09 -4.09
C LYS A 4 6.12 -4.69 -3.94
N GLU A 5 5.25 -3.72 -3.66
CA GLU A 5 5.69 -2.42 -3.24
C GLU A 5 5.47 -2.26 -1.73
N LYS A 6 4.44 -1.48 -1.37
CA LYS A 6 4.06 -1.26 0.02
C LYS A 6 2.83 -2.10 0.37
N LEU A 7 2.36 -2.85 -0.61
CA LEU A 7 1.06 -3.52 -0.57
C LEU A 7 0.72 -4.16 0.79
N LYS A 8 1.43 -5.25 1.13
CA LYS A 8 1.05 -6.13 2.24
C LYS A 8 0.71 -5.38 3.53
N GLN A 9 1.45 -4.31 3.80
CA GLN A 9 1.45 -3.62 5.09
C GLN A 9 0.05 -3.41 5.70
N CYS A 10 -0.98 -3.28 4.88
CA CYS A 10 -2.35 -3.14 5.41
C CYS A 10 -3.39 -3.17 4.28
N PHE A 11 -2.93 -3.48 3.08
CA PHE A 11 -3.72 -3.31 1.85
C PHE A 11 -5.13 -3.93 1.94
N LYS A 12 -6.13 -3.09 2.13
CA LYS A 12 -7.53 -3.56 2.14
C LYS A 12 -8.28 -3.22 0.85
N ASP A 13 -8.57 -1.94 0.65
CA ASP A 13 -9.05 -1.45 -0.63
C ASP A 13 -8.01 -0.52 -1.19
N MET A 14 -7.37 0.17 -0.26
CA MET A 14 -6.16 0.94 -0.49
C MET A 14 -5.19 0.18 -1.39
N THR A 15 -5.23 -1.14 -1.29
CA THR A 15 -4.48 -2.02 -2.17
C THR A 15 -4.51 -1.50 -3.61
N LEU A 16 -5.70 -1.25 -4.11
CA LEU A 16 -5.89 -0.88 -5.50
C LEU A 16 -5.48 0.57 -5.74
N ALA A 17 -6.14 1.49 -5.07
CA ALA A 17 -5.91 2.90 -5.32
C ALA A 17 -4.68 3.40 -4.59
N ALA A 18 -4.71 3.32 -3.27
CA ALA A 18 -3.70 3.95 -2.45
C ALA A 18 -2.33 3.28 -2.59
N ILE A 19 -2.27 2.06 -3.12
CA ILE A 19 -0.98 1.45 -3.38
C ILE A 19 -0.39 1.99 -4.67
N ASP A 20 -1.23 2.22 -5.67
CA ASP A 20 -0.81 2.93 -6.87
C ASP A 20 -0.22 4.28 -6.48
N TYR A 21 -0.74 4.82 -5.38
CA TYR A 21 -0.22 6.05 -4.81
C TYR A 21 0.99 5.80 -3.93
N ALA A 22 0.99 4.69 -3.20
CA ALA A 22 2.11 4.35 -2.31
C ALA A 22 3.37 4.04 -3.13
N LYS A 23 3.17 3.50 -4.31
CA LYS A 23 4.30 3.16 -5.17
C LYS A 23 4.88 4.38 -5.87
N HIS A 24 4.04 5.33 -6.24
CA HIS A 24 4.53 6.51 -6.95
C HIS A 24 4.68 7.72 -6.03
N LYS A 25 3.70 7.95 -5.16
CA LYS A 25 3.72 9.10 -4.26
C LYS A 25 4.25 8.69 -2.88
N VAL A 26 3.38 8.61 -1.88
CA VAL A 26 3.82 8.30 -0.52
C VAL A 26 2.72 7.74 0.36
N GLU A 27 1.63 7.28 -0.22
CA GLU A 27 0.46 6.83 0.54
C GLU A 27 0.79 5.73 1.55
N LYS A 28 1.99 5.19 1.45
CA LYS A 28 2.53 4.27 2.44
C LYS A 28 2.41 4.83 3.86
N HIS A 29 2.49 6.14 3.99
CA HIS A 29 2.42 6.80 5.29
C HIS A 29 1.02 6.75 5.89
N LEU A 30 0.06 6.19 5.14
CA LEU A 30 -1.31 6.10 5.62
C LEU A 30 -1.56 4.76 6.31
N PHE A 31 -0.75 3.75 6.01
CA PHE A 31 -1.05 2.43 6.50
C PHE A 31 0.15 1.66 6.99
N LYS A 32 -0.17 0.75 7.93
CA LYS A 32 0.70 -0.31 8.40
C LYS A 32 0.03 -1.04 9.56
N CYS A 33 -0.73 -2.07 9.25
CA CYS A 33 -1.49 -2.79 10.27
C CYS A 33 -1.23 -4.29 10.23
N ILE A 34 -0.70 -4.77 9.11
CA ILE A 34 -0.46 -6.19 8.92
C ILE A 34 1.01 -6.50 9.08
N GLY A 1 5.08 -13.62 -1.67
CA GLY A 1 5.58 -12.24 -1.54
C GLY A 1 4.50 -11.27 -1.13
N LYS A 2 3.54 -11.02 -2.05
CA LYS A 2 2.44 -10.06 -1.86
C LYS A 2 2.93 -8.62 -1.87
N GLU A 3 3.86 -8.34 -1.00
CA GLU A 3 4.36 -7.01 -0.76
C GLU A 3 5.34 -6.62 -1.87
N LYS A 4 4.85 -6.50 -3.10
CA LYS A 4 5.69 -6.09 -4.20
C LYS A 4 6.30 -4.72 -3.90
N GLU A 5 5.44 -3.77 -3.58
CA GLU A 5 5.87 -2.48 -3.09
C GLU A 5 5.58 -2.36 -1.59
N LYS A 6 4.54 -1.58 -1.27
CA LYS A 6 4.11 -1.36 0.10
C LYS A 6 2.87 -2.19 0.40
N LEU A 7 2.42 -2.95 -0.59
CA LEU A 7 1.10 -3.58 -0.57
C LEU A 7 0.74 -4.28 0.74
N LYS A 8 1.43 -5.38 1.02
CA LYS A 8 1.11 -6.29 2.12
C LYS A 8 0.79 -5.56 3.43
N GLN A 9 1.51 -4.46 3.67
CA GLN A 9 1.55 -3.79 4.98
C GLN A 9 0.19 -3.60 5.67
N CYS A 10 -0.89 -3.48 4.91
CA CYS A 10 -2.21 -3.29 5.52
C CYS A 10 -3.32 -3.34 4.46
N PHE A 11 -2.94 -3.68 3.23
CA PHE A 11 -3.81 -3.47 2.06
C PHE A 11 -5.19 -4.12 2.22
N LYS A 12 -6.22 -3.28 2.37
CA LYS A 12 -7.59 -3.78 2.31
C LYS A 12 -8.26 -3.41 0.98
N ASP A 13 -8.52 -2.11 0.80
CA ASP A 13 -8.98 -1.60 -0.51
C ASP A 13 -7.92 -0.67 -1.09
N MET A 14 -7.14 -0.09 -0.17
CA MET A 14 -6.08 0.83 -0.51
C MET A 14 -5.12 0.23 -1.51
N THR A 15 -5.03 -1.10 -1.53
CA THR A 15 -4.23 -1.81 -2.53
C THR A 15 -4.44 -1.19 -3.92
N LEU A 16 -5.69 -1.09 -4.33
CA LEU A 16 -6.00 -0.55 -5.65
C LEU A 16 -5.57 0.91 -5.76
N ALA A 17 -6.17 1.76 -4.94
CA ALA A 17 -5.95 3.20 -5.10
C ALA A 17 -4.71 3.66 -4.35
N ALA A 18 -4.74 3.53 -3.04
CA ALA A 18 -3.72 4.11 -2.20
C ALA A 18 -2.36 3.43 -2.36
N ILE A 19 -2.33 2.23 -2.92
CA ILE A 19 -1.07 1.55 -3.15
C ILE A 19 -0.44 2.03 -4.46
N ASP A 20 -1.27 2.28 -5.45
CA ASP A 20 -0.81 2.91 -6.68
C ASP A 20 -0.20 4.27 -6.35
N TYR A 21 -0.71 4.89 -5.30
CA TYR A 21 -0.16 6.14 -4.79
C TYR A 21 0.97 5.90 -3.81
N ALA A 22 0.94 4.79 -3.10
CA ALA A 22 1.98 4.45 -2.15
C ALA A 22 3.27 4.13 -2.87
N LYS A 23 3.14 3.46 -4.01
CA LYS A 23 4.30 3.03 -4.76
C LYS A 23 4.88 4.18 -5.58
N HIS A 24 4.02 5.03 -6.11
CA HIS A 24 4.46 6.11 -6.99
C HIS A 24 4.54 7.46 -6.27
N LYS A 25 3.62 7.71 -5.35
CA LYS A 25 3.60 8.98 -4.63
C LYS A 25 4.23 8.82 -3.23
N VAL A 26 3.40 8.73 -2.19
CA VAL A 26 3.88 8.53 -0.82
C VAL A 26 2.79 7.98 0.09
N GLU A 27 1.72 7.45 -0.51
CA GLU A 27 0.55 7.02 0.26
C GLU A 27 0.84 5.86 1.21
N LYS A 28 2.09 5.47 1.28
CA LYS A 28 2.55 4.50 2.27
C LYS A 28 2.41 5.07 3.68
N HIS A 29 2.39 6.40 3.76
CA HIS A 29 2.21 7.10 5.03
C HIS A 29 0.77 6.99 5.52
N LEU A 30 -0.01 6.20 4.82
CA LEU A 30 -1.41 6.06 5.10
C LEU A 30 -1.70 4.79 5.88
N PHE A 31 -0.88 3.76 5.70
CA PHE A 31 -1.27 2.45 6.16
C PHE A 31 -0.13 1.59 6.67
N LYS A 32 -0.46 0.86 7.73
CA LYS A 32 0.36 -0.22 8.30
C LYS A 32 -0.48 -0.95 9.35
N CYS A 33 -0.44 -2.27 9.33
CA CYS A 33 -1.19 -3.07 10.31
C CYS A 33 -0.89 -4.55 10.16
N ILE A 34 -0.78 -5.01 8.92
CA ILE A 34 -0.53 -6.41 8.63
C ILE A 34 0.97 -6.68 8.64
N GLY A 1 3.93 -14.34 -4.20
CA GLY A 1 3.73 -13.80 -2.83
C GLY A 1 2.98 -12.49 -2.86
N LYS A 2 3.23 -11.65 -1.87
CA LYS A 2 2.60 -10.34 -1.83
C LYS A 2 3.65 -9.29 -1.48
N GLU A 3 3.18 -8.06 -1.21
CA GLU A 3 4.07 -6.98 -0.77
C GLU A 3 5.03 -6.59 -1.88
N LYS A 4 4.52 -6.52 -3.11
CA LYS A 4 5.36 -6.15 -4.25
C LYS A 4 6.01 -4.79 -4.00
N GLU A 5 5.19 -3.79 -3.69
CA GLU A 5 5.68 -2.52 -3.21
C GLU A 5 5.45 -2.39 -1.71
N LYS A 6 4.45 -1.58 -1.34
CA LYS A 6 4.09 -1.36 0.05
C LYS A 6 2.86 -2.18 0.40
N LEU A 7 2.37 -2.92 -0.57
CA LEU A 7 1.06 -3.57 -0.51
C LEU A 7 0.74 -4.21 0.84
N LYS A 8 1.46 -5.28 1.17
CA LYS A 8 1.11 -6.17 2.28
C LYS A 8 0.80 -5.42 3.58
N GLN A 9 1.50 -4.31 3.80
CA GLN A 9 1.53 -3.62 5.11
C GLN A 9 0.16 -3.47 5.77
N CYS A 10 -0.92 -3.37 4.99
CA CYS A 10 -2.25 -3.26 5.57
C CYS A 10 -3.33 -3.32 4.49
N PHE A 11 -2.92 -3.64 3.27
CA PHE A 11 -3.77 -3.44 2.08
C PHE A 11 -5.13 -4.12 2.19
N LYS A 12 -6.17 -3.32 2.38
CA LYS A 12 -7.54 -3.80 2.26
C LYS A 12 -8.19 -3.35 0.94
N ASP A 13 -8.42 -2.04 0.81
CA ASP A 13 -8.90 -1.47 -0.45
C ASP A 13 -7.83 -0.58 -1.07
N MET A 14 -7.06 0.04 -0.18
CA MET A 14 -5.99 0.93 -0.57
C MET A 14 -5.07 0.28 -1.58
N THR A 15 -4.95 -1.04 -1.55
CA THR A 15 -4.20 -1.79 -2.54
C THR A 15 -4.43 -1.23 -3.94
N LEU A 16 -5.69 -1.14 -4.34
CA LEU A 16 -6.02 -0.68 -5.67
C LEU A 16 -5.59 0.78 -5.86
N ALA A 17 -6.17 1.68 -5.09
CA ALA A 17 -5.94 3.10 -5.32
C ALA A 17 -4.71 3.59 -4.60
N ALA A 18 -4.75 3.51 -3.27
CA ALA A 18 -3.74 4.13 -2.45
C ALA A 18 -2.37 3.45 -2.58
N ILE A 19 -2.32 2.22 -3.06
CA ILE A 19 -1.05 1.56 -3.27
C ILE A 19 -0.42 2.05 -4.56
N ASP A 20 -1.25 2.32 -5.56
CA ASP A 20 -0.79 2.97 -6.78
C ASP A 20 -0.12 4.30 -6.41
N TYR A 21 -0.64 4.91 -5.35
CA TYR A 21 -0.09 6.16 -4.83
C TYR A 21 1.04 5.92 -3.85
N ALA A 22 0.99 4.82 -3.13
CA ALA A 22 2.03 4.47 -2.18
C ALA A 22 3.31 4.11 -2.90
N LYS A 23 3.18 3.59 -4.11
CA LYS A 23 4.33 3.18 -4.89
C LYS A 23 4.97 4.36 -5.61
N HIS A 24 4.18 5.25 -6.21
CA HIS A 24 4.73 6.35 -6.96
C HIS A 24 4.71 7.67 -6.19
N LYS A 25 3.71 7.89 -5.34
CA LYS A 25 3.60 9.13 -4.59
C LYS A 25 4.22 8.99 -3.20
N VAL A 26 3.40 8.76 -2.17
CA VAL A 26 3.87 8.58 -0.79
C VAL A 26 2.79 8.01 0.10
N GLU A 27 1.73 7.44 -0.49
CA GLU A 27 0.55 7.07 0.27
C GLU A 27 0.79 5.91 1.25
N LYS A 28 2.03 5.46 1.33
CA LYS A 28 2.41 4.41 2.26
C LYS A 28 2.30 4.91 3.70
N HIS A 29 2.32 6.22 3.86
CA HIS A 29 2.21 6.86 5.17
C HIS A 29 0.81 6.70 5.75
N LEU A 30 -0.11 6.15 4.96
CA LEU A 30 -1.49 6.00 5.40
C LEU A 30 -1.69 4.69 6.15
N PHE A 31 -0.93 3.67 5.78
CA PHE A 31 -1.25 2.34 6.23
C PHE A 31 -0.06 1.53 6.70
N LYS A 32 -0.31 0.79 7.77
CA LYS A 32 0.60 -0.22 8.33
C LYS A 32 -0.14 -0.93 9.47
N CYS A 33 -0.24 -2.24 9.38
CA CYS A 33 -0.98 -3.01 10.38
C CYS A 33 -0.70 -4.52 10.25
N ILE A 34 -0.52 -4.97 9.01
CA ILE A 34 -0.28 -6.37 8.73
C ILE A 34 1.22 -6.67 8.78
#